data_5VQL
#
_entry.id   5VQL
#
_cell.length_a   61.325
_cell.length_b   61.325
_cell.length_c   155.578
_cell.angle_alpha   90.00
_cell.angle_beta   90.00
_cell.angle_gamma   90.00
#
_symmetry.space_group_name_H-M   'P 41 21 2'
#
loop_
_entity.id
_entity.type
_entity.pdbx_description
1 polymer 'Nuclear receptor ROR-gamma, SRC2 chimera'
2 non-polymer 'SODIUM ION'
3 non-polymer "5'-(4-cyclopropyl-6-methoxypyrimidin-5-yl)-N-{[4-(ethylsulfonyl)phenyl]methyl}spiro[cyclopentane-1,3'-pyrrolo[3,2-b]pyridine]-1'(2'H)-carboxamide"
4 water water
#
_entity_poly.entity_id   1
_entity_poly.type   'polypeptide(L)'
_entity_poly.pdbx_seq_one_letter_code
;MGSSHHHHHHLVPRGSPEAPYASLTEIEHLVQSVCKSYRETCQLRLEDLLRQRSNIFSREEVTGYQRKSMWEMWERCAHH
LTEAIQYVVEFAKRLSGFMELCQNDQIVLLKAGAMEVVLVRMCRAYNADNRTVFFEGKYGGMELFRALGCSELISSIFDF
SHSLSALHFSEDEIALYTALVLINAHRPGLQEKRKVEQLQYNLELAFHHHLCKTHRQSILAKLPPKGKLRSLCSQHVERL
QIFQHLHPIVVQAAFPPLYKELFSGGGEKHKILHRLLQDS
;
_entity_poly.pdbx_strand_id   A
#
loop_
_chem_comp.id
_chem_comp.type
_chem_comp.name
_chem_comp.formula
9GS non-polymer 5'-(4-cyclopropyl-6-methoxypyrimidin-5-yl)-N-{[4-(ethylsulfonyl)phenyl]methyl}spiro[cyclopentane-1,3'-pyrrolo[3,2-b]pyridine]-1'(2'H)-carboxamide 'C29 H33 N5 O4 S'
NA non-polymer 'SODIUM ION' 'Na 1'
#
# COMPACT_ATOMS: atom_id res chain seq x y z
N ALA A 22 20.10 -18.61 11.22
CA ALA A 22 19.27 -18.09 12.30
C ALA A 22 18.98 -19.12 13.42
N SER A 23 18.32 -18.66 14.50
CA SER A 23 17.90 -19.45 15.67
C SER A 23 16.40 -19.18 15.92
N LEU A 24 15.76 -20.00 16.79
CA LEU A 24 14.34 -19.86 17.14
C LEU A 24 14.09 -18.54 17.88
N THR A 25 15.01 -18.17 18.80
CA THR A 25 14.99 -16.93 19.58
C THR A 25 15.08 -15.70 18.66
N GLU A 26 16.03 -15.73 17.70
CA GLU A 26 16.26 -14.66 16.73
C GLU A 26 15.06 -14.43 15.85
N ILE A 27 14.38 -15.53 15.44
CA ILE A 27 13.19 -15.48 14.59
C ILE A 27 12.01 -14.84 15.33
N GLU A 28 11.80 -15.24 16.61
CA GLU A 28 10.72 -14.71 17.45
C GLU A 28 10.91 -13.20 17.69
N HIS A 29 12.19 -12.76 17.82
CA HIS A 29 12.57 -11.35 18.02
C HIS A 29 12.26 -10.55 16.75
N LEU A 30 12.46 -11.18 15.57
CA LEU A 30 12.17 -10.58 14.27
C LEU A 30 10.66 -10.35 14.12
N VAL A 31 9.83 -11.32 14.56
CA VAL A 31 8.36 -11.24 14.50
C VAL A 31 7.91 -9.99 15.24
N GLN A 32 8.36 -9.81 16.49
CA GLN A 32 8.04 -8.67 17.34
C GLN A 32 8.56 -7.34 16.81
N SER A 33 9.77 -7.36 16.22
CA SER A 33 10.42 -6.19 15.62
C SER A 33 9.61 -5.69 14.41
N VAL A 34 9.10 -6.63 13.58
CA VAL A 34 8.29 -6.32 12.39
C VAL A 34 6.93 -5.77 12.81
N CYS A 35 6.30 -6.42 13.81
CA CYS A 35 5.01 -6.00 14.34
C CYS A 35 5.08 -4.62 14.96
N LYS A 36 6.14 -4.34 15.75
CA LYS A 36 6.39 -3.03 16.35
C LYS A 36 6.53 -1.97 15.24
N SER A 37 7.38 -2.27 14.22
CA SER A 37 7.62 -1.39 13.07
C SER A 37 6.32 -1.01 12.38
N TYR A 38 5.39 -1.96 12.26
CA TYR A 38 4.08 -1.74 11.65
C TYR A 38 3.18 -0.90 12.54
N ARG A 39 3.03 -1.27 13.85
CA ARG A 39 2.20 -0.53 14.81
C ARG A 39 2.53 0.98 14.78
N GLU A 40 3.83 1.32 14.79
CA GLU A 40 4.36 2.67 14.75
C GLU A 40 4.14 3.39 13.41
N THR A 41 3.81 2.64 12.32
CA THR A 41 3.67 3.21 10.97
C THR A 41 2.40 2.80 10.23
N CYS A 42 1.36 2.30 10.95
CA CYS A 42 0.12 1.82 10.34
C CYS A 42 -0.82 2.93 9.83
N GLN A 43 -0.41 4.22 9.97
CA GLN A 43 -1.17 5.42 9.55
C GLN A 43 -2.38 5.61 10.49
N LEU A 44 -3.44 4.80 10.32
CA LEU A 44 -4.64 4.81 11.16
C LEU A 44 -4.75 3.49 11.93
N ARG A 45 -5.12 3.56 13.21
CA ARG A 45 -5.27 2.36 14.04
C ARG A 45 -6.53 1.62 13.62
N LEU A 46 -6.47 0.27 13.60
CA LEU A 46 -7.60 -0.58 13.20
C LEU A 46 -8.87 -0.25 14.01
N GLU A 47 -8.72 -0.03 15.33
CA GLU A 47 -9.80 0.34 16.24
C GLU A 47 -10.51 1.63 15.80
N ASP A 48 -9.73 2.66 15.41
CA ASP A 48 -10.25 3.93 14.89
C ASP A 48 -11.00 3.76 13.57
N LEU A 49 -10.60 2.75 12.75
CA LEU A 49 -11.23 2.48 11.46
C LEU A 49 -12.57 1.78 11.60
N LEU A 50 -12.66 0.83 12.53
CA LEU A 50 -13.88 0.06 12.81
C LEU A 50 -14.96 0.92 13.48
N ARG A 51 -14.58 1.79 14.43
CA ARG A 51 -15.50 2.69 15.15
C ARG A 51 -16.29 3.58 14.17
N GLN A 52 -15.66 3.92 13.03
CA GLN A 52 -16.20 4.78 11.98
C GLN A 52 -17.13 4.07 10.98
N ARG A 53 -17.20 2.72 11.00
CA ARG A 53 -18.01 1.94 10.04
C ARG A 53 -19.47 2.39 9.94
N SER A 54 -20.05 2.89 11.04
CA SER A 54 -21.42 3.41 11.09
C SER A 54 -21.57 4.78 10.37
N ASN A 55 -20.48 5.58 10.35
CA ASN A 55 -20.42 6.89 9.71
C ASN A 55 -20.28 6.71 8.18
N ILE A 56 -21.42 6.72 7.50
CA ILE A 56 -21.52 6.50 6.05
C ILE A 56 -22.06 7.78 5.38
N PHE A 57 -21.55 8.10 4.18
CA PHE A 57 -21.96 9.26 3.38
C PHE A 57 -23.45 9.16 2.99
N SER A 58 -24.18 10.30 3.02
CA SER A 58 -25.60 10.33 2.64
C SER A 58 -25.73 10.31 1.11
N ARG A 59 -26.95 10.02 0.60
CA ARG A 59 -27.24 10.00 -0.84
C ARG A 59 -26.86 11.34 -1.47
N GLU A 60 -27.15 12.46 -0.77
CA GLU A 60 -26.81 13.83 -1.16
C GLU A 60 -25.30 14.02 -1.15
N GLU A 61 -24.57 13.38 -0.21
CA GLU A 61 -23.10 13.47 -0.13
C GLU A 61 -22.40 12.69 -1.26
N VAL A 62 -23.05 11.61 -1.76
CA VAL A 62 -22.52 10.79 -2.87
C VAL A 62 -22.67 11.61 -4.16
N THR A 63 -23.84 12.30 -4.30
CA THR A 63 -24.14 13.20 -5.42
C THR A 63 -23.07 14.31 -5.47
N GLY A 64 -22.74 14.85 -4.29
CA GLY A 64 -21.71 15.87 -4.09
C GLY A 64 -20.39 15.44 -4.68
N TYR A 65 -19.94 14.21 -4.35
CA TYR A 65 -18.70 13.65 -4.91
C TYR A 65 -18.79 13.42 -6.43
N GLN A 66 -19.95 12.91 -6.91
CA GLN A 66 -20.22 12.68 -8.33
C GLN A 66 -20.23 13.98 -9.14
N ARG A 67 -20.71 15.10 -8.54
CA ARG A 67 -20.79 16.43 -9.16
C ARG A 67 -19.41 17.13 -9.26
N LYS A 68 -18.40 16.66 -8.50
CA LYS A 68 -17.05 17.22 -8.52
C LYS A 68 -16.35 16.89 -9.85
N SER A 69 -15.44 17.77 -10.30
CA SER A 69 -14.72 17.61 -11.56
C SER A 69 -13.74 16.44 -11.51
N MET A 70 -13.47 15.84 -12.69
CA MET A 70 -12.56 14.72 -12.83
C MET A 70 -11.15 15.04 -12.31
N TRP A 71 -10.62 16.24 -12.64
CA TRP A 71 -9.29 16.65 -12.20
C TRP A 71 -9.22 16.84 -10.68
N GLU A 72 -10.30 17.39 -10.08
CA GLU A 72 -10.39 17.56 -8.63
C GLU A 72 -10.35 16.24 -7.91
N MET A 73 -11.11 15.24 -8.43
CA MET A 73 -11.17 13.91 -7.85
C MET A 73 -9.83 13.19 -7.91
N TRP A 74 -9.12 13.32 -9.05
CA TRP A 74 -7.80 12.74 -9.28
C TRP A 74 -6.74 13.33 -8.34
N GLU A 75 -6.80 14.66 -8.15
CA GLU A 75 -5.89 15.41 -7.28
C GLU A 75 -6.06 14.94 -5.83
N ARG A 76 -7.31 14.90 -5.33
CA ARG A 76 -7.64 14.44 -3.97
C ARG A 76 -7.16 13.01 -3.75
N CYS A 77 -7.45 12.10 -4.71
CA CYS A 77 -7.02 10.71 -4.67
C CYS A 77 -5.50 10.53 -4.71
N ALA A 78 -4.79 11.36 -5.50
CA ALA A 78 -3.33 11.32 -5.59
C ALA A 78 -2.69 11.75 -4.26
N HIS A 79 -3.30 12.75 -3.60
CA HIS A 79 -2.87 13.26 -2.30
C HIS A 79 -3.01 12.17 -1.20
N HIS A 80 -4.13 11.43 -1.18
CA HIS A 80 -4.33 10.40 -0.16
C HIS A 80 -3.40 9.22 -0.35
N LEU A 81 -3.12 8.85 -1.61
CA LEU A 81 -2.22 7.76 -1.94
C LEU A 81 -0.79 8.09 -1.45
N THR A 82 -0.36 9.36 -1.63
CA THR A 82 0.95 9.88 -1.21
C THR A 82 1.10 9.78 0.30
N GLU A 83 0.09 10.27 1.08
CA GLU A 83 0.10 10.21 2.54
C GLU A 83 0.30 8.75 3.00
N ALA A 84 -0.46 7.81 2.39
CA ALA A 84 -0.36 6.39 2.68
C ALA A 84 1.03 5.83 2.32
N ILE A 85 1.63 6.28 1.19
CA ILE A 85 2.97 5.86 0.79
C ILE A 85 4.04 6.35 1.79
N GLN A 86 3.94 7.61 2.25
CA GLN A 86 4.84 8.20 3.25
C GLN A 86 5.02 7.30 4.47
N TYR A 87 3.91 6.72 5.00
CA TYR A 87 3.95 5.80 6.14
C TYR A 87 4.63 4.46 5.81
N VAL A 88 4.46 4.00 4.57
CA VAL A 88 5.08 2.78 4.04
C VAL A 88 6.60 2.99 3.91
N VAL A 89 7.04 4.24 3.61
CA VAL A 89 8.45 4.59 3.54
C VAL A 89 9.02 4.50 4.96
N GLU A 90 8.28 5.06 5.93
CA GLU A 90 8.65 5.06 7.35
C GLU A 90 8.74 3.63 7.90
N PHE A 91 7.83 2.75 7.45
CA PHE A 91 7.81 1.33 7.81
C PHE A 91 9.09 0.64 7.32
N ALA A 92 9.52 0.94 6.06
CA ALA A 92 10.73 0.40 5.44
C ALA A 92 11.97 0.83 6.23
N LYS A 93 12.06 2.12 6.58
CA LYS A 93 13.18 2.67 7.37
C LYS A 93 13.32 1.96 8.71
N ARG A 94 12.17 1.64 9.35
CA ARG A 94 12.08 0.96 10.64
C ARG A 94 12.20 -0.56 10.52
N LEU A 95 12.13 -1.09 9.30
CA LEU A 95 12.23 -2.53 9.04
C LEU A 95 13.64 -3.05 9.27
N SER A 96 13.73 -4.20 9.97
CA SER A 96 14.99 -4.85 10.35
C SER A 96 15.84 -5.30 9.15
N GLY A 97 16.89 -4.53 8.88
CA GLY A 97 17.83 -4.82 7.81
C GLY A 97 17.67 -4.03 6.53
N PHE A 98 16.66 -3.17 6.45
CA PHE A 98 16.40 -2.36 5.26
C PHE A 98 17.44 -1.26 5.07
N MET A 99 17.66 -0.42 6.10
CA MET A 99 18.63 0.69 6.05
C MET A 99 20.09 0.22 5.90
N GLU A 100 20.34 -1.08 6.15
CA GLU A 100 21.64 -1.73 6.01
C GLU A 100 21.96 -1.96 4.52
N LEU A 101 20.90 -2.10 3.68
CA LEU A 101 21.03 -2.28 2.23
C LEU A 101 21.51 -0.98 1.57
N CYS A 102 22.11 -1.08 0.36
CA CYS A 102 22.60 0.08 -0.37
C CYS A 102 21.44 0.97 -0.82
N GLN A 103 21.71 2.28 -1.00
CA GLN A 103 20.73 3.30 -1.40
C GLN A 103 19.92 2.88 -2.63
N ASN A 104 20.59 2.33 -3.66
CA ASN A 104 19.99 1.85 -4.90
C ASN A 104 18.92 0.80 -4.64
N ASP A 105 19.26 -0.26 -3.87
CA ASP A 105 18.33 -1.33 -3.55
C ASP A 105 17.14 -0.86 -2.71
N GLN A 106 17.39 0.04 -1.75
CA GLN A 106 16.34 0.64 -0.90
C GLN A 106 15.28 1.33 -1.78
N ILE A 107 15.74 2.09 -2.80
CA ILE A 107 14.90 2.84 -3.73
C ILE A 107 14.17 1.90 -4.67
N VAL A 108 14.87 0.87 -5.22
CA VAL A 108 14.25 -0.12 -6.12
C VAL A 108 13.11 -0.84 -5.37
N LEU A 109 13.37 -1.24 -4.11
CA LEU A 109 12.38 -1.93 -3.29
C LEU A 109 11.16 -1.07 -2.98
N LEU A 110 11.35 0.24 -2.74
CA LEU A 110 10.23 1.14 -2.47
C LEU A 110 9.46 1.56 -3.73
N LYS A 111 10.16 1.82 -4.86
CA LYS A 111 9.54 2.20 -6.14
C LYS A 111 8.62 1.09 -6.66
N ALA A 112 9.05 -0.17 -6.48
CA ALA A 112 8.33 -1.37 -6.93
C ALA A 112 7.30 -1.93 -5.93
N GLY A 113 7.47 -1.66 -4.65
CA GLY A 113 6.60 -2.23 -3.62
C GLY A 113 5.73 -1.36 -2.76
N ALA A 114 6.10 -0.06 -2.53
CA ALA A 114 5.32 0.84 -1.65
C ALA A 114 3.83 0.91 -2.01
N MET A 115 3.53 0.94 -3.32
CA MET A 115 2.18 0.97 -3.89
C MET A 115 1.43 -0.33 -3.51
N GLU A 116 2.14 -1.48 -3.57
CA GLU A 116 1.61 -2.81 -3.25
C GLU A 116 1.31 -2.92 -1.75
N VAL A 117 2.17 -2.33 -0.89
CA VAL A 117 1.99 -2.34 0.56
C VAL A 117 0.71 -1.57 0.95
N VAL A 118 0.47 -0.41 0.31
CA VAL A 118 -0.74 0.40 0.52
C VAL A 118 -1.97 -0.42 0.10
N LEU A 119 -1.92 -1.04 -1.09
CA LEU A 119 -3.00 -1.87 -1.65
C LEU A 119 -3.45 -2.99 -0.70
N VAL A 120 -2.51 -3.58 0.08
CA VAL A 120 -2.79 -4.65 1.05
C VAL A 120 -3.42 -4.01 2.31
N ARG A 121 -2.78 -2.94 2.84
CA ARG A 121 -3.19 -2.18 4.01
C ARG A 121 -4.61 -1.62 3.85
N MET A 122 -5.02 -1.37 2.60
CA MET A 122 -6.32 -0.83 2.22
C MET A 122 -7.52 -1.63 2.74
N CYS A 123 -7.42 -2.97 2.78
CA CYS A 123 -8.51 -3.86 3.23
C CYS A 123 -8.93 -3.61 4.69
N ARG A 124 -8.07 -2.94 5.48
CA ARG A 124 -8.37 -2.57 6.86
C ARG A 124 -9.50 -1.54 6.89
N ALA A 125 -9.53 -0.66 5.86
CA ALA A 125 -10.51 0.40 5.71
C ALA A 125 -11.67 0.01 4.80
N TYR A 126 -11.81 -1.30 4.53
CA TYR A 126 -12.86 -1.85 3.70
C TYR A 126 -13.84 -2.65 4.54
N ASN A 127 -15.15 -2.38 4.34
CA ASN A 127 -16.21 -3.09 5.03
C ASN A 127 -16.95 -3.96 4.02
N ALA A 128 -16.71 -5.29 4.10
CA ALA A 128 -17.32 -6.26 3.20
C ALA A 128 -18.83 -6.37 3.32
N ASP A 129 -19.39 -6.05 4.51
CA ASP A 129 -20.83 -6.11 4.79
C ASP A 129 -21.67 -5.20 3.88
N ASN A 130 -21.22 -3.96 3.62
CA ASN A 130 -21.94 -3.01 2.77
C ASN A 130 -21.15 -2.60 1.50
N ARG A 131 -19.95 -3.20 1.31
CA ARG A 131 -19.02 -2.97 0.19
C ARG A 131 -18.60 -1.48 0.11
N THR A 132 -18.14 -0.95 1.27
CA THR A 132 -17.68 0.44 1.41
C THR A 132 -16.21 0.54 1.84
N VAL A 133 -15.58 1.67 1.48
CA VAL A 133 -14.19 1.97 1.81
C VAL A 133 -14.11 3.31 2.56
N PHE A 134 -13.12 3.46 3.46
CA PHE A 134 -12.92 4.70 4.20
C PHE A 134 -12.30 5.71 3.26
N PHE A 135 -12.91 6.91 3.20
CA PHE A 135 -12.45 8.00 2.35
C PHE A 135 -12.93 9.34 2.90
N GLU A 136 -11.95 10.21 3.22
CA GLU A 136 -12.13 11.56 3.72
C GLU A 136 -13.15 11.64 4.90
N GLY A 137 -12.87 10.86 5.95
CA GLY A 137 -13.65 10.85 7.18
C GLY A 137 -14.90 9.99 7.27
N LYS A 138 -15.37 9.47 6.12
CA LYS A 138 -16.56 8.63 6.12
C LYS A 138 -16.38 7.37 5.27
N TYR A 139 -17.43 6.55 5.15
CA TYR A 139 -17.44 5.32 4.37
C TYR A 139 -18.32 5.49 3.12
N GLY A 140 -17.76 5.12 1.97
CA GLY A 140 -18.43 5.18 0.68
C GLY A 140 -18.19 4.00 -0.23
N GLY A 141 -19.13 3.77 -1.16
CA GLY A 141 -19.05 2.71 -2.17
C GLY A 141 -18.40 3.20 -3.45
N MET A 142 -18.32 2.31 -4.47
CA MET A 142 -17.74 2.56 -5.81
C MET A 142 -18.33 3.80 -6.50
N GLU A 143 -19.61 4.10 -6.21
CA GLU A 143 -20.39 5.22 -6.74
C GLU A 143 -19.75 6.59 -6.42
N LEU A 144 -19.12 6.71 -5.24
CA LEU A 144 -18.46 7.92 -4.77
C LEU A 144 -17.27 8.35 -5.65
N PHE A 145 -16.69 7.42 -6.44
CA PHE A 145 -15.51 7.66 -7.28
C PHE A 145 -15.78 7.65 -8.78
N ARG A 146 -17.05 7.82 -9.17
CA ARG A 146 -17.48 7.79 -10.57
C ARG A 146 -16.92 8.93 -11.39
N ALA A 147 -16.78 10.11 -10.77
CA ALA A 147 -16.26 11.33 -11.39
C ALA A 147 -14.80 11.18 -11.88
N LEU A 148 -14.05 10.23 -11.28
CA LEU A 148 -12.65 9.94 -11.64
C LEU A 148 -12.48 9.50 -13.09
N GLY A 149 -13.47 8.76 -13.60
CA GLY A 149 -13.44 8.25 -14.97
C GLY A 149 -12.49 7.09 -15.12
N CYS A 150 -12.37 6.28 -14.06
CA CYS A 150 -11.54 5.06 -14.00
C CYS A 150 -12.23 3.99 -13.12
N SER A 151 -13.50 3.70 -13.49
CA SER A 151 -14.39 2.75 -12.84
C SER A 151 -13.81 1.34 -12.75
N GLU A 152 -12.96 0.95 -13.72
CA GLU A 152 -12.32 -0.36 -13.76
C GLU A 152 -11.27 -0.50 -12.63
N LEU A 153 -10.42 0.54 -12.44
CA LEU A 153 -9.40 0.59 -11.39
C LEU A 153 -10.07 0.54 -10.01
N ILE A 154 -11.14 1.34 -9.82
CA ILE A 154 -11.90 1.40 -8.56
C ILE A 154 -12.50 0.04 -8.25
N SER A 155 -13.20 -0.57 -9.24
CA SER A 155 -13.78 -1.90 -9.10
C SER A 155 -12.71 -2.94 -8.75
N SER A 156 -11.52 -2.85 -9.39
CA SER A 156 -10.38 -3.72 -9.14
C SER A 156 -9.90 -3.57 -7.69
N ILE A 157 -9.68 -2.32 -7.20
CA ILE A 157 -9.26 -2.05 -5.81
C ILE A 157 -10.29 -2.65 -4.83
N PHE A 158 -11.58 -2.46 -5.15
CA PHE A 158 -12.69 -2.97 -4.33
C PHE A 158 -12.72 -4.49 -4.26
N ASP A 159 -12.63 -5.20 -5.42
CA ASP A 159 -12.64 -6.67 -5.46
C ASP A 159 -11.44 -7.27 -4.73
N PHE A 160 -10.26 -6.65 -4.90
CA PHE A 160 -9.04 -7.07 -4.23
C PHE A 160 -9.18 -6.91 -2.71
N SER A 161 -9.84 -5.83 -2.26
CA SER A 161 -10.08 -5.54 -0.86
C SER A 161 -11.08 -6.54 -0.30
N HIS A 162 -12.13 -6.86 -1.09
CA HIS A 162 -13.17 -7.83 -0.76
C HIS A 162 -12.53 -9.20 -0.52
N SER A 163 -11.63 -9.63 -1.45
CA SER A 163 -10.89 -10.90 -1.40
C SER A 163 -10.05 -11.07 -0.13
N LEU A 164 -9.22 -10.06 0.20
CA LEU A 164 -8.38 -10.07 1.40
C LEU A 164 -9.21 -10.00 2.71
N SER A 165 -10.40 -9.38 2.66
CA SER A 165 -11.28 -9.22 3.83
C SER A 165 -11.77 -10.57 4.34
N ALA A 166 -12.01 -11.51 3.39
CA ALA A 166 -12.46 -12.90 3.63
C ALA A 166 -11.41 -13.68 4.43
N LEU A 167 -10.13 -13.30 4.30
CA LEU A 167 -8.99 -13.88 4.99
C LEU A 167 -8.99 -13.53 6.50
N HIS A 168 -9.62 -12.38 6.88
CA HIS A 168 -9.75 -11.86 8.25
C HIS A 168 -8.38 -11.68 8.94
N PHE A 169 -7.48 -10.94 8.28
CA PHE A 169 -6.12 -10.65 8.74
C PHE A 169 -6.08 -9.99 10.08
N SER A 170 -5.09 -10.37 10.89
CA SER A 170 -4.82 -9.74 12.17
C SER A 170 -3.74 -8.69 11.88
N GLU A 171 -3.61 -7.66 12.75
CA GLU A 171 -2.62 -6.60 12.57
C GLU A 171 -1.20 -7.15 12.49
N ASP A 172 -0.88 -8.20 13.29
CA ASP A 172 0.42 -8.86 13.25
C ASP A 172 0.64 -9.57 11.90
N GLU A 173 -0.42 -10.23 11.38
CA GLU A 173 -0.36 -10.92 10.09
C GLU A 173 -0.07 -9.96 8.94
N ILE A 174 -0.71 -8.76 8.94
CA ILE A 174 -0.50 -7.71 7.92
C ILE A 174 0.93 -7.20 8.04
N ALA A 175 1.40 -6.96 9.28
CA ALA A 175 2.74 -6.49 9.59
C ALA A 175 3.80 -7.39 8.93
N LEU A 176 3.65 -8.71 9.10
CA LEU A 176 4.58 -9.71 8.58
C LEU A 176 4.44 -9.95 7.06
N TYR A 177 3.22 -9.91 6.53
CA TYR A 177 2.96 -10.10 5.10
C TYR A 177 3.46 -8.90 4.29
N THR A 178 3.17 -7.65 4.75
CA THR A 178 3.59 -6.42 4.08
C THR A 178 5.11 -6.29 4.05
N ALA A 179 5.79 -6.77 5.11
CA ALA A 179 7.25 -6.81 5.21
C ALA A 179 7.82 -7.66 4.07
N LEU A 180 7.19 -8.82 3.80
CA LEU A 180 7.62 -9.70 2.71
C LEU A 180 7.32 -9.11 1.34
N VAL A 181 6.13 -8.47 1.18
CA VAL A 181 5.69 -7.84 -0.09
C VAL A 181 6.78 -6.89 -0.58
N LEU A 182 7.25 -6.02 0.33
CA LEU A 182 8.30 -5.03 0.10
C LEU A 182 9.69 -5.66 -0.11
N ILE A 183 10.11 -6.56 0.80
CA ILE A 183 11.41 -7.22 0.73
C ILE A 183 11.36 -8.45 -0.22
N ASN A 184 11.47 -8.15 -1.53
CA ASN A 184 11.42 -9.14 -2.59
C ASN A 184 12.74 -9.13 -3.36
N ALA A 185 13.44 -10.26 -3.42
CA ALA A 185 14.73 -10.38 -4.11
C ALA A 185 14.59 -10.37 -5.64
N HIS A 186 13.42 -10.79 -6.14
CA HIS A 186 13.11 -10.84 -7.57
C HIS A 186 12.96 -9.48 -8.25
N ARG A 187 12.78 -8.37 -7.47
CA ARG A 187 12.62 -7.00 -8.01
C ARG A 187 13.74 -6.65 -9.02
N PRO A 188 13.38 -6.24 -10.27
CA PRO A 188 14.41 -5.92 -11.26
C PRO A 188 15.18 -4.65 -10.94
N GLY A 189 16.50 -4.75 -11.03
CA GLY A 189 17.40 -3.63 -10.78
C GLY A 189 18.20 -3.65 -9.50
N LEU A 190 17.97 -4.66 -8.64
CA LEU A 190 18.71 -4.80 -7.38
C LEU A 190 20.19 -5.09 -7.63
N GLN A 191 21.08 -4.37 -6.92
CA GLN A 191 22.54 -4.53 -7.03
C GLN A 191 23.05 -5.67 -6.15
N GLU A 192 22.58 -5.71 -4.88
CA GLU A 192 22.94 -6.71 -3.89
C GLU A 192 21.80 -7.74 -3.72
N LYS A 193 21.60 -8.61 -4.74
CA LYS A 193 20.55 -9.63 -4.75
C LYS A 193 20.65 -10.61 -3.59
N ARG A 194 21.86 -11.17 -3.35
CA ARG A 194 22.10 -12.12 -2.26
C ARG A 194 21.75 -11.54 -0.89
N LYS A 195 22.05 -10.24 -0.68
CA LYS A 195 21.75 -9.54 0.55
C LYS A 195 20.23 -9.41 0.77
N VAL A 196 19.46 -9.20 -0.31
CA VAL A 196 18.00 -9.12 -0.21
C VAL A 196 17.43 -10.53 -0.04
N GLU A 197 17.99 -11.53 -0.76
CA GLU A 197 17.64 -12.97 -0.68
C GLU A 197 17.75 -13.48 0.78
N GLN A 198 18.76 -12.98 1.53
CA GLN A 198 18.97 -13.34 2.94
C GLN A 198 17.90 -12.68 3.82
N LEU A 199 17.61 -11.39 3.57
CA LEU A 199 16.60 -10.64 4.32
C LEU A 199 15.22 -11.25 4.12
N GLN A 200 14.86 -11.58 2.86
CA GLN A 200 13.59 -12.19 2.49
C GLN A 200 13.39 -13.54 3.19
N TYR A 201 14.46 -14.37 3.24
CA TYR A 201 14.45 -15.68 3.86
C TYR A 201 14.13 -15.61 5.34
N ASN A 202 14.69 -14.61 6.05
CA ASN A 202 14.44 -14.41 7.48
C ASN A 202 12.99 -13.98 7.73
N LEU A 203 12.49 -13.03 6.93
CA LEU A 203 11.11 -12.53 7.02
C LEU A 203 10.10 -13.62 6.67
N GLU A 204 10.43 -14.51 5.69
CA GLU A 204 9.61 -15.66 5.29
C GLU A 204 9.38 -16.53 6.52
N LEU A 205 10.49 -16.93 7.19
CA LEU A 205 10.52 -17.75 8.39
C LEU A 205 9.76 -17.10 9.53
N ALA A 206 9.98 -15.80 9.75
CA ALA A 206 9.29 -15.02 10.79
C ALA A 206 7.78 -15.12 10.59
N PHE A 207 7.30 -14.84 9.36
CA PHE A 207 5.89 -14.92 8.97
C PHE A 207 5.35 -16.34 9.16
N HIS A 208 6.03 -17.35 8.59
CA HIS A 208 5.64 -18.76 8.69
C HIS A 208 5.64 -19.30 10.13
N HIS A 209 6.55 -18.79 10.99
CA HIS A 209 6.65 -19.18 12.40
C HIS A 209 5.45 -18.66 13.17
N HIS A 210 5.07 -17.39 12.91
CA HIS A 210 3.92 -16.75 13.55
C HIS A 210 2.64 -17.51 13.18
N LEU A 211 2.46 -17.78 11.87
CA LEU A 211 1.32 -18.54 11.33
C LEU A 211 1.25 -19.94 11.92
N CYS A 212 2.41 -20.60 12.09
CA CYS A 212 2.49 -21.94 12.68
C CYS A 212 2.06 -21.89 14.14
N LYS A 213 2.64 -20.95 14.91
CA LYS A 213 2.36 -20.74 16.33
C LYS A 213 0.88 -20.37 16.61
N THR A 214 0.24 -19.58 15.70
CA THR A 214 -1.16 -19.12 15.82
C THR A 214 -2.18 -20.04 15.13
N HIS A 215 -1.73 -21.15 14.51
CA HIS A 215 -2.55 -22.13 13.78
C HIS A 215 -3.29 -21.47 12.61
N ARG A 216 -2.57 -20.64 11.85
CA ARG A 216 -3.08 -19.89 10.70
C ARG A 216 -2.29 -20.16 9.40
N GLN A 217 -1.74 -21.39 9.25
CA GLN A 217 -0.98 -21.81 8.05
C GLN A 217 -1.91 -21.93 6.83
N SER A 218 -3.23 -22.04 7.08
CA SER A 218 -4.28 -22.17 6.08
C SER A 218 -4.37 -20.99 5.10
N ILE A 219 -4.07 -19.75 5.56
CA ILE A 219 -4.16 -18.55 4.71
C ILE A 219 -3.12 -18.51 3.58
N LEU A 220 -2.00 -19.27 3.71
CA LEU A 220 -0.93 -19.30 2.71
C LEU A 220 -1.42 -19.54 1.27
N ALA A 221 -2.33 -20.51 1.08
CA ALA A 221 -2.92 -20.85 -0.21
C ALA A 221 -3.91 -19.77 -0.68
N LYS A 222 -4.61 -19.12 0.29
CA LYS A 222 -5.63 -18.10 0.06
C LYS A 222 -5.07 -16.70 -0.24
N LEU A 223 -3.73 -16.52 -0.08
CA LEU A 223 -3.06 -15.24 -0.37
C LEU A 223 -3.15 -14.90 -1.85
N PRO A 224 -3.23 -13.60 -2.25
CA PRO A 224 -3.31 -13.29 -3.68
C PRO A 224 -1.99 -13.50 -4.40
N PRO A 225 -1.98 -14.04 -5.65
CA PRO A 225 -0.71 -14.21 -6.37
C PRO A 225 -0.05 -12.87 -6.64
N LYS A 226 1.30 -12.81 -6.58
CA LYS A 226 2.07 -11.57 -6.79
C LYS A 226 1.74 -10.87 -8.15
N GLY A 227 1.29 -11.65 -9.13
CA GLY A 227 0.88 -11.16 -10.45
C GLY A 227 -0.31 -10.24 -10.40
N LYS A 228 -1.23 -10.44 -9.42
CA LYS A 228 -2.42 -9.60 -9.24
C LYS A 228 -2.04 -8.21 -8.69
N LEU A 229 -1.07 -8.15 -7.75
CA LEU A 229 -0.57 -6.90 -7.18
C LEU A 229 0.08 -6.07 -8.30
N ARG A 230 0.96 -6.71 -9.11
CA ARG A 230 1.64 -6.13 -10.28
C ARG A 230 0.64 -5.57 -11.31
N SER A 231 -0.47 -6.32 -11.53
CA SER A 231 -1.57 -5.96 -12.44
C SER A 231 -2.28 -4.67 -12.01
N LEU A 232 -2.62 -4.55 -10.71
CA LEU A 232 -3.30 -3.37 -10.15
C LEU A 232 -2.42 -2.13 -10.18
N CYS A 233 -1.09 -2.30 -9.96
CA CYS A 233 -0.11 -1.21 -10.00
C CYS A 233 0.02 -0.67 -11.42
N SER A 234 0.17 -1.58 -12.40
CA SER A 234 0.27 -1.23 -13.83
C SER A 234 -1.02 -0.54 -14.31
N GLN A 235 -2.19 -1.00 -13.81
CA GLN A 235 -3.51 -0.44 -14.11
C GLN A 235 -3.63 1.02 -13.63
N HIS A 236 -2.97 1.36 -12.49
CA HIS A 236 -2.96 2.71 -11.93
C HIS A 236 -2.20 3.65 -12.85
N VAL A 237 -0.96 3.29 -13.20
CA VAL A 237 -0.06 4.03 -14.09
C VAL A 237 -0.75 4.25 -15.44
N GLU A 238 -1.43 3.20 -15.96
CA GLU A 238 -2.18 3.21 -17.22
C GLU A 238 -3.29 4.27 -17.22
N ARG A 239 -4.08 4.32 -16.13
CA ARG A 239 -5.17 5.28 -16.03
C ARG A 239 -4.66 6.68 -15.73
N LEU A 240 -3.49 6.78 -15.04
CA LEU A 240 -2.85 8.05 -14.72
C LEU A 240 -2.39 8.76 -16.00
N GLN A 241 -1.67 8.05 -16.91
CA GLN A 241 -1.21 8.62 -18.17
C GLN A 241 -2.39 9.06 -19.05
N ILE A 242 -3.56 8.37 -18.95
CA ILE A 242 -4.79 8.75 -19.65
C ILE A 242 -5.23 10.12 -19.13
N PHE A 243 -5.25 10.27 -17.79
CA PHE A 243 -5.61 11.52 -17.10
C PHE A 243 -4.60 12.65 -17.38
N GLN A 244 -3.29 12.29 -17.38
CA GLN A 244 -2.16 13.20 -17.64
C GLN A 244 -2.31 13.83 -19.03
N HIS A 245 -2.69 13.03 -20.04
CA HIS A 245 -2.92 13.51 -21.41
C HIS A 245 -4.13 14.45 -21.51
N LEU A 246 -5.07 14.37 -20.55
CA LEU A 246 -6.26 15.22 -20.51
C LEU A 246 -5.99 16.53 -19.73
N HIS A 247 -5.19 16.43 -18.64
CA HIS A 247 -4.85 17.57 -17.79
C HIS A 247 -3.35 17.49 -17.37
N PRO A 248 -2.40 17.87 -18.27
CA PRO A 248 -0.98 17.76 -17.91
C PRO A 248 -0.54 18.76 -16.85
N ILE A 249 -1.03 20.02 -16.94
CA ILE A 249 -0.74 21.13 -16.02
C ILE A 249 -1.25 20.81 -14.61
N VAL A 250 -2.31 19.98 -14.50
CA VAL A 250 -2.88 19.56 -13.21
C VAL A 250 -1.90 18.63 -12.49
N VAL A 251 -1.31 17.66 -13.22
CA VAL A 251 -0.33 16.72 -12.68
C VAL A 251 0.93 17.50 -12.29
N GLN A 252 1.32 18.48 -13.14
CA GLN A 252 2.48 19.34 -12.93
C GLN A 252 2.36 20.28 -11.73
N ALA A 253 1.18 20.94 -11.54
CA ALA A 253 0.99 21.93 -10.49
C ALA A 253 0.26 21.46 -9.22
N ALA A 254 -0.80 20.63 -9.35
CA ALA A 254 -1.62 20.23 -8.19
C ALA A 254 -1.33 18.82 -7.59
N PHE A 255 -0.55 17.97 -8.27
CA PHE A 255 -0.21 16.62 -7.77
C PHE A 255 1.05 16.61 -6.86
N PRO A 256 1.08 15.79 -5.78
CA PRO A 256 2.25 15.76 -4.90
C PRO A 256 3.57 15.35 -5.58
N PRO A 257 4.71 15.92 -5.14
CA PRO A 257 6.00 15.57 -5.76
C PRO A 257 6.42 14.10 -5.63
N LEU A 258 6.05 13.43 -4.50
CA LEU A 258 6.38 12.01 -4.29
C LEU A 258 5.56 11.11 -5.20
N TYR A 259 4.30 11.49 -5.49
CA TYR A 259 3.41 10.76 -6.39
C TYR A 259 4.00 10.83 -7.80
N LYS A 260 4.33 12.05 -8.28
CA LYS A 260 4.93 12.32 -9.59
C LYS A 260 6.17 11.46 -9.86
N GLU A 261 7.08 11.36 -8.86
CA GLU A 261 8.32 10.57 -8.95
C GLU A 261 8.01 9.06 -9.10
N LEU A 262 7.11 8.53 -8.27
CA LEU A 262 6.76 7.12 -8.27
C LEU A 262 5.86 6.65 -9.41
N PHE A 263 5.06 7.54 -10.02
CA PHE A 263 4.11 7.09 -11.03
C PHE A 263 4.08 7.86 -12.34
N SER A 264 4.30 9.18 -12.30
CA SER A 264 4.25 9.98 -13.51
C SER A 264 5.55 9.94 -14.29
N GLY A 265 5.43 9.78 -15.60
CA GLY A 265 6.56 9.78 -16.52
C GLY A 265 6.56 11.05 -17.34
N GLY A 266 7.70 11.74 -17.44
CA GLY A 266 8.96 11.38 -16.79
C GLY A 266 9.21 12.23 -15.55
N GLY A 267 8.27 12.14 -14.61
CA GLY A 267 8.32 12.86 -13.34
C GLY A 267 9.36 12.31 -12.37
N GLU A 268 10.13 11.29 -12.84
CA GLU A 268 11.20 10.61 -12.10
C GLU A 268 12.46 11.50 -11.89
N LYS A 269 12.45 12.74 -12.45
CA LYS A 269 13.53 13.73 -12.37
C LYS A 269 13.86 14.10 -10.90
N HIS A 270 12.86 14.59 -10.15
CA HIS A 270 13.02 14.97 -8.73
C HIS A 270 13.01 13.75 -7.79
N LYS A 271 14.09 13.62 -6.99
CA LYS A 271 14.27 12.52 -6.03
C LYS A 271 13.78 12.88 -4.60
N ILE A 272 12.50 12.57 -4.31
CA ILE A 272 11.83 12.83 -3.02
C ILE A 272 12.15 11.71 -2.02
N LEU A 273 12.09 10.43 -2.47
CA LEU A 273 12.38 9.22 -1.66
C LEU A 273 13.76 9.31 -1.04
N HIS A 274 14.73 9.83 -1.81
CA HIS A 274 16.13 10.02 -1.43
C HIS A 274 16.25 10.81 -0.12
N ARG A 275 15.63 12.01 -0.05
CA ARG A 275 15.64 12.86 1.15
C ARG A 275 14.87 12.19 2.29
N LEU A 276 13.71 11.56 1.97
CA LEU A 276 12.88 10.84 2.94
C LEU A 276 13.67 9.77 3.69
N LEU A 277 14.61 9.09 3.00
CA LEU A 277 15.46 8.04 3.57
C LEU A 277 16.68 8.58 4.30
N GLN A 278 17.21 9.76 3.87
CA GLN A 278 18.41 10.38 4.45
C GLN A 278 18.26 10.77 5.92
N ASP A 279 17.32 11.69 6.22
CA ASP A 279 17.05 12.17 7.59
C ASP A 279 16.51 11.01 8.43
N SER A 280 16.97 10.90 9.71
CA SER A 280 16.62 9.84 10.68
C SER A 280 17.06 8.45 10.19
NA NA B . -11.53 -5.72 5.94
C6 9GS C . -5.98 3.89 5.63
C7 9GS C . -5.79 5.27 5.84
C8 9GS C . -6.56 6.20 5.15
C10 9GS C . -8.38 6.81 3.49
C15 9GS C . -9.59 5.42 -0.46
C17 9GS C . -9.83 3.27 -1.76
C20 9GS C . -10.55 5.37 -2.79
C21 9GS C . -8.13 5.02 -2.32
C24 9GS C . -5.49 5.63 -2.79
C26 9GS C . -7.44 5.74 -1.34
C28 9GS C . -5.01 3.21 -4.96
O13 9GS C . -6.67 6.71 1.25
C12 9GS C . -7.82 6.34 1.07
N11 9GS C . -8.70 6.36 2.11
C9 9GS C . -7.53 5.80 4.24
C38 9GS C . -7.72 4.44 4.03
C39 9GS C . -6.93 3.50 4.70
S3 9GS C . -4.99 2.66 6.46
O4 9GS C . -5.72 1.44 6.37
O5 9GS C . -4.69 3.20 7.74
C2 9GS C . -3.46 2.55 5.48
C1 9GS C . -3.70 2.58 3.97
N14 9GS C . -8.23 5.92 -0.18
C16 9GS C . -9.52 4.78 -1.84
C19 9GS C . -11.11 4.22 -3.66
C18 9GS C . -10.47 2.91 -3.13
C25 9GS C . -6.07 6.01 -1.58
C23 9GS C . -6.28 4.97 -3.75
N22 9GS C . -7.55 4.68 -3.46
C27 9GS C . -5.70 4.45 -5.01
C34 9GS C . -5.81 5.09 -6.26
C35 9GS C . -6.52 6.41 -6.42
C37 9GS C . -8.01 6.29 -6.75
C36 9GS C . -7.04 6.80 -7.81
N33 9GS C . -5.26 4.53 -7.33
C32 9GS C . -4.62 3.37 -7.25
N31 9GS C . -4.51 2.72 -6.10
O29 9GS C . -4.92 2.52 -3.78
C30 9GS C . -3.86 1.56 -3.57
#